data_1GRB
#
_entry.id   1GRB
#
_cell.length_a   119.800
_cell.length_b   84.500
_cell.length_c   63.200
_cell.angle_alpha   90.00
_cell.angle_beta   90.00
_cell.angle_gamma   58.70
#
_symmetry.space_group_name_H-M   'B 1 1 2'
#
loop_
_entity.id
_entity.type
_entity.pdbx_description
1 polymer 'GLUTATHIONE REDUCTASE'
2 non-polymer 'PHOSPHATE ION'
3 non-polymer 'FLAVIN-ADENINE DINUCLEOTIDE'
4 non-polymer NICOTINAMIDE-ADENINE-DINUCLEOTIDE
5 non-polymer 'NADPH DIHYDRO-NICOTINAMIDE-ADENINE-DINUCLEOTIDE PHOSPHATE'
6 water water
#
_entity_poly.entity_id   1
_entity_poly.type   'polypeptide(L)'
_entity_poly.pdbx_seq_one_letter_code
;ACRQEPQPQGPPPAAGAVASYDYLVIGGGSGGLASARRAAELGARAAVVESHKLGGTCVNVGCVPKKVMWNTAVHSEFMH
DHADYGFPSCEGKFNWRVIKEKRDAYVSRLNAIYQNNLTKSHIEIIRGHAAFTSDPKPTIEVSGKKYTAPHILIATGGMP
STPHESQIPGASLGITSDGFFQLEELPGRSVIVGAGYIAVEMAGILSALGSKTSLMIRHDKVLRSFDSMISTNCTEELEN
AGVEVLKFSQVKEVKKTLSGLEVSMVTAVPGRLPVMTMIPDVDCLLWAIGRVPNTKDLSLNKLGIQTDDKGHIIVDEFQN
TNVKGIYAVGDVCGKALLTPVAIAAGRKLAHRLFEYKEDSKLDYNNIPTVVFSHPPIGTVGLTEDEAIHKYGIENVKTYS
TSFTPMYHAVTKRKTKCVMKMVCANKEEKVVGIHMQGLGCDEMLQGFAVAVKMGATKADFDNTVAIHPTSSEELVTLR
;
_entity_poly.pdbx_strand_id   A
#
# COMPACT_ATOMS: atom_id res chain seq x y z
N VAL A 18 29.85 -18.35 17.01
CA VAL A 18 29.37 -17.55 15.87
C VAL A 18 29.10 -18.47 14.68
N ALA A 19 27.82 -18.74 14.44
CA ALA A 19 27.41 -19.54 13.31
C ALA A 19 27.45 -18.71 12.01
N SER A 20 28.08 -19.27 11.01
CA SER A 20 28.23 -18.57 9.77
C SER A 20 27.29 -19.11 8.69
N TYR A 21 26.79 -18.21 7.84
CA TYR A 21 25.92 -18.56 6.72
C TYR A 21 26.41 -17.86 5.50
N ASP A 22 25.82 -18.17 4.34
CA ASP A 22 26.16 -17.43 3.11
C ASP A 22 25.35 -16.17 3.06
N TYR A 23 24.14 -16.26 3.59
CA TYR A 23 23.23 -15.13 3.54
C TYR A 23 22.40 -15.12 4.80
N LEU A 24 22.34 -13.96 5.46
CA LEU A 24 21.56 -13.76 6.66
C LEU A 24 20.57 -12.67 6.29
N VAL A 25 19.30 -12.95 6.51
CA VAL A 25 18.20 -12.04 6.19
C VAL A 25 17.52 -11.66 7.51
N ILE A 26 17.45 -10.34 7.81
CA ILE A 26 16.77 -9.82 9.00
C ILE A 26 15.39 -9.36 8.60
N GLY A 27 14.38 -10.14 8.98
CA GLY A 27 13.00 -9.83 8.71
C GLY A 27 12.42 -10.88 7.78
N GLY A 28 11.34 -11.52 8.21
CA GLY A 28 10.68 -12.52 7.38
C GLY A 28 9.42 -12.01 6.71
N GLY A 29 9.47 -10.83 6.08
CA GLY A 29 8.32 -10.31 5.38
C GLY A 29 8.49 -10.57 3.88
N SER A 30 7.77 -9.81 3.05
CA SER A 30 7.82 -10.05 1.61
C SER A 30 9.20 -10.01 1.00
N GLY A 31 9.93 -8.93 1.29
CA GLY A 31 11.24 -8.74 0.69
C GLY A 31 12.26 -9.75 1.21
N GLY A 32 12.25 -10.00 2.52
CA GLY A 32 13.17 -10.87 3.18
C GLY A 32 12.97 -12.32 2.73
N LEU A 33 11.74 -12.79 2.75
CA LEU A 33 11.44 -14.14 2.29
C LEU A 33 11.81 -14.33 0.82
N ALA A 34 11.35 -13.41 -0.05
CA ALA A 34 11.61 -13.52 -1.47
C ALA A 34 13.12 -13.64 -1.76
N SER A 35 13.93 -12.81 -1.09
CA SER A 35 15.38 -12.78 -1.31
C SER A 35 16.01 -14.10 -0.85
N ALA A 36 15.69 -14.52 0.38
CA ALA A 36 16.19 -15.77 0.96
C ALA A 36 15.86 -16.99 0.09
N ARG A 37 14.64 -17.08 -0.39
CA ARG A 37 14.23 -18.18 -1.22
C ARG A 37 14.99 -18.21 -2.54
N ARG A 38 15.23 -17.07 -3.17
CA ARG A 38 15.92 -17.09 -4.44
C ARG A 38 17.38 -17.40 -4.18
N ALA A 39 17.94 -16.86 -3.12
CA ALA A 39 19.33 -17.13 -2.82
C ALA A 39 19.53 -18.63 -2.60
N ALA A 40 18.65 -19.24 -1.80
CA ALA A 40 18.74 -20.68 -1.54
C ALA A 40 18.66 -21.47 -2.85
N GLU A 41 17.86 -21.04 -3.83
CA GLU A 41 17.79 -21.75 -5.12
C GLU A 41 19.13 -21.72 -5.82
N LEU A 42 19.90 -20.67 -5.55
CA LEU A 42 21.18 -20.46 -6.21
C LEU A 42 22.31 -21.18 -5.45
N GLY A 43 21.95 -21.87 -4.36
CA GLY A 43 22.91 -22.68 -3.61
C GLY A 43 23.32 -22.06 -2.30
N ALA A 44 22.91 -20.82 -2.04
CA ALA A 44 23.29 -20.20 -0.76
C ALA A 44 22.72 -20.91 0.44
N ARG A 45 23.53 -20.97 1.48
CA ARG A 45 23.08 -21.47 2.75
C ARG A 45 22.61 -20.23 3.53
N ALA A 46 21.29 -20.08 3.62
CA ALA A 46 20.63 -18.91 4.18
C ALA A 46 19.83 -19.18 5.44
N ALA A 47 19.69 -18.16 6.28
CA ALA A 47 18.87 -18.22 7.47
C ALA A 47 18.04 -16.93 7.46
N VAL A 48 16.80 -16.99 7.97
CA VAL A 48 15.92 -15.83 8.05
C VAL A 48 15.65 -15.56 9.53
N VAL A 49 15.95 -14.36 10.04
CA VAL A 49 15.63 -14.04 11.43
C VAL A 49 14.27 -13.35 11.48
N GLU A 50 13.33 -13.82 12.29
CA GLU A 50 12.01 -13.22 12.36
C GLU A 50 11.53 -13.19 13.77
N SER A 51 11.13 -12.02 14.21
CA SER A 51 10.77 -11.89 15.60
C SER A 51 9.28 -12.06 15.81
N HIS A 52 8.45 -11.94 14.75
CA HIS A 52 7.02 -12.13 14.92
C HIS A 52 6.50 -13.26 14.06
N LYS A 53 5.61 -12.92 13.13
CA LYS A 53 5.02 -13.92 12.25
C LYS A 53 5.53 -13.82 10.84
N LEU A 54 5.80 -14.97 10.25
CA LEU A 54 6.25 -14.93 8.89
C LEU A 54 5.17 -14.37 7.98
N GLY A 55 5.60 -13.77 6.89
CA GLY A 55 4.63 -13.23 5.96
C GLY A 55 4.66 -11.73 6.18
N GLY A 56 5.11 -11.31 7.35
CA GLY A 56 5.29 -9.92 7.75
C GLY A 56 4.02 -9.08 7.59
N THR A 57 4.17 -7.83 7.19
CA THR A 57 3.00 -6.96 6.99
C THR A 57 1.99 -7.49 5.97
N CYS A 58 2.42 -7.90 4.76
CA CYS A 58 1.52 -8.33 3.69
C CYS A 58 0.49 -9.36 4.17
N VAL A 59 0.98 -10.41 4.77
CA VAL A 59 0.13 -11.47 5.23
C VAL A 59 -0.71 -11.16 6.48
N ASN A 60 -0.08 -10.62 7.52
CA ASN A 60 -0.65 -10.40 8.83
C ASN A 60 -1.53 -9.19 9.02
N VAL A 61 -1.06 -8.03 8.55
CA VAL A 61 -1.79 -6.81 8.77
C VAL A 61 -1.79 -5.90 7.53
N GLY A 62 -1.83 -6.43 6.32
CA GLY A 62 -1.72 -5.55 5.16
C GLY A 62 -2.53 -6.08 4.01
N CYS A 63 -1.83 -6.27 2.89
CA CYS A 63 -2.39 -6.70 1.63
C CYS A 63 -3.50 -7.72 1.76
N VAL A 64 -3.20 -8.88 2.31
CA VAL A 64 -4.14 -10.00 2.39
C VAL A 64 -5.44 -9.76 3.18
N PRO A 65 -5.37 -9.53 4.51
CA PRO A 65 -6.56 -9.24 5.28
C PRO A 65 -7.32 -8.03 4.72
N LYS A 66 -6.61 -7.02 4.19
CA LYS A 66 -7.26 -5.86 3.57
C LYS A 66 -8.13 -6.31 2.40
N LYS A 67 -7.57 -7.10 1.47
CA LYS A 67 -8.27 -7.51 0.26
C LYS A 67 -9.51 -8.30 0.62
N VAL A 68 -9.42 -9.15 1.65
CA VAL A 68 -10.59 -9.93 2.07
C VAL A 68 -11.70 -8.95 2.48
N MET A 69 -11.34 -7.89 3.25
CA MET A 69 -12.30 -6.89 3.69
C MET A 69 -12.84 -6.07 2.51
N TRP A 70 -11.99 -5.81 1.52
CA TRP A 70 -12.44 -5.14 0.32
C TRP A 70 -13.49 -5.99 -0.41
N ASN A 71 -13.24 -7.30 -0.55
CA ASN A 71 -14.17 -8.16 -1.26
C ASN A 71 -15.50 -8.15 -0.54
N THR A 72 -15.43 -8.01 0.78
CA THR A 72 -16.62 -7.96 1.60
C THR A 72 -17.42 -6.66 1.34
N ALA A 73 -16.72 -5.54 1.24
CA ALA A 73 -17.37 -4.29 0.97
C ALA A 73 -17.94 -4.30 -0.43
N VAL A 74 -17.23 -4.96 -1.33
CA VAL A 74 -17.71 -5.11 -2.70
C VAL A 74 -19.04 -5.83 -2.75
N HIS A 75 -19.21 -6.83 -1.89
CA HIS A 75 -20.49 -7.55 -1.74
C HIS A 75 -21.63 -6.64 -1.28
N SER A 76 -21.33 -5.75 -0.33
CA SER A 76 -22.26 -4.78 0.19
C SER A 76 -22.82 -3.92 -0.98
N GLU A 77 -21.94 -3.42 -1.85
CA GLU A 77 -22.36 -2.55 -2.97
C GLU A 77 -23.21 -3.28 -3.96
N PHE A 78 -22.74 -4.45 -4.33
CA PHE A 78 -23.45 -5.22 -5.30
C PHE A 78 -24.86 -5.48 -4.81
N MET A 79 -24.99 -5.88 -3.55
CA MET A 79 -26.27 -6.10 -2.89
C MET A 79 -27.21 -4.86 -2.92
N HIS A 80 -26.68 -3.64 -3.12
CA HIS A 80 -27.55 -2.47 -3.25
C HIS A 80 -28.24 -2.52 -4.61
N ASP A 81 -27.59 -3.17 -5.59
CA ASP A 81 -28.08 -3.27 -6.97
C ASP A 81 -29.00 -4.47 -7.21
N HIS A 82 -29.17 -5.33 -6.23
CA HIS A 82 -29.93 -6.56 -6.34
C HIS A 82 -31.32 -6.37 -6.93
N ALA A 83 -32.06 -5.44 -6.38
CA ALA A 83 -33.43 -5.25 -6.83
C ALA A 83 -33.51 -4.73 -8.26
N ASP A 84 -32.56 -3.87 -8.63
CA ASP A 84 -32.52 -3.31 -9.98
C ASP A 84 -32.31 -4.43 -11.01
N TYR A 85 -31.64 -5.49 -10.57
CA TYR A 85 -31.29 -6.56 -11.46
C TYR A 85 -32.36 -7.62 -11.48
N GLY A 86 -33.49 -7.38 -10.82
CA GLY A 86 -34.57 -8.32 -10.97
C GLY A 86 -34.66 -9.30 -9.83
N PHE A 87 -33.93 -9.00 -8.82
CA PHE A 87 -33.98 -9.87 -7.70
C PHE A 87 -34.76 -9.20 -6.60
N PRO A 88 -35.03 -9.97 -5.56
CA PRO A 88 -35.74 -9.41 -4.46
C PRO A 88 -34.73 -8.78 -3.52
N SER A 89 -35.18 -7.68 -2.93
CA SER A 89 -34.38 -6.88 -2.02
C SER A 89 -33.82 -7.73 -0.88
N CYS A 90 -32.53 -7.50 -0.70
CA CYS A 90 -31.79 -8.11 0.36
C CYS A 90 -31.87 -7.14 1.52
N GLU A 91 -32.29 -7.70 2.65
CA GLU A 91 -32.60 -6.96 3.85
C GLU A 91 -31.52 -6.45 4.81
N GLY A 92 -30.32 -7.00 5.00
CA GLY A 92 -29.79 -6.21 6.10
C GLY A 92 -28.38 -6.32 6.62
N LYS A 93 -28.40 -6.44 7.94
CA LYS A 93 -27.27 -6.42 8.83
C LYS A 93 -26.10 -7.35 8.53
N PHE A 94 -24.99 -6.69 8.27
CA PHE A 94 -23.73 -7.31 8.05
C PHE A 94 -23.22 -7.79 9.40
N ASN A 95 -22.59 -8.94 9.40
CA ASN A 95 -22.08 -9.42 10.67
C ASN A 95 -20.56 -9.47 10.63
N TRP A 96 -19.94 -8.53 11.29
CA TRP A 96 -18.52 -8.37 11.27
C TRP A 96 -17.79 -9.61 11.78
N ARG A 97 -18.29 -10.21 12.85
CA ARG A 97 -17.55 -11.30 13.44
C ARG A 97 -17.37 -12.57 12.64
N VAL A 98 -18.31 -12.78 11.75
CA VAL A 98 -18.27 -13.92 10.88
C VAL A 98 -17.11 -13.80 9.92
N ILE A 99 -16.99 -12.63 9.28
CA ILE A 99 -15.96 -12.49 8.29
C ILE A 99 -14.65 -12.29 9.03
N LYS A 100 -14.72 -11.72 10.21
CA LYS A 100 -13.45 -11.54 10.86
C LYS A 100 -12.84 -12.88 11.19
N GLU A 101 -13.67 -13.81 11.60
CA GLU A 101 -13.10 -15.08 11.99
C GLU A 101 -12.51 -15.84 10.82
N LYS A 102 -13.19 -15.75 9.67
CA LYS A 102 -12.75 -16.44 8.46
C LYS A 102 -11.52 -15.79 7.89
N ARG A 103 -11.37 -14.49 8.16
CA ARG A 103 -10.22 -13.75 7.64
C ARG A 103 -9.02 -14.19 8.45
N ASP A 104 -9.16 -14.22 9.77
CA ASP A 104 -8.06 -14.63 10.63
C ASP A 104 -7.57 -16.05 10.31
N ALA A 105 -8.51 -16.93 10.01
CA ALA A 105 -8.19 -18.31 9.72
C ALA A 105 -7.36 -18.38 8.44
N TYR A 106 -7.75 -17.58 7.46
CA TYR A 106 -7.09 -17.57 6.17
C TYR A 106 -5.67 -17.10 6.34
N VAL A 107 -5.49 -16.10 7.19
CA VAL A 107 -4.16 -15.60 7.54
C VAL A 107 -3.32 -16.69 8.23
N SER A 108 -3.95 -17.52 9.09
CA SER A 108 -3.28 -18.65 9.75
C SER A 108 -2.82 -19.65 8.72
N ARG A 109 -3.66 -19.88 7.68
CA ARG A 109 -3.30 -20.78 6.62
C ARG A 109 -2.05 -20.30 5.91
N LEU A 110 -2.00 -18.99 5.63
CA LEU A 110 -0.86 -18.46 4.94
C LEU A 110 0.38 -18.54 5.77
N ASN A 111 0.27 -18.27 7.06
CA ASN A 111 1.51 -18.36 7.84
C ASN A 111 2.10 -19.78 7.76
N ALA A 112 1.24 -20.79 7.81
CA ALA A 112 1.71 -22.17 7.80
C ALA A 112 2.33 -22.49 6.44
N ILE A 113 1.75 -21.94 5.37
CA ILE A 113 2.29 -22.14 4.03
C ILE A 113 3.68 -21.56 3.82
N TYR A 114 3.88 -20.35 4.31
CA TYR A 114 5.14 -19.64 4.21
C TYR A 114 6.23 -20.32 4.97
N GLN A 115 5.87 -20.81 6.14
CA GLN A 115 6.84 -21.53 6.94
C GLN A 115 7.23 -22.78 6.16
N ASN A 116 6.26 -23.50 5.61
CA ASN A 116 6.58 -24.67 4.84
C ASN A 116 7.46 -24.30 3.64
N ASN A 117 7.21 -23.15 3.00
CA ASN A 117 8.01 -22.75 1.83
C ASN A 117 9.48 -22.61 2.25
N LEU A 118 9.72 -22.11 3.46
CA LEU A 118 11.08 -21.89 3.93
C LEU A 118 11.73 -23.25 4.15
N THR A 119 11.05 -24.14 4.86
CA THR A 119 11.61 -25.44 5.16
C THR A 119 11.96 -26.25 3.91
N LYS A 120 11.07 -26.26 2.96
CA LYS A 120 11.32 -26.99 1.74
C LYS A 120 12.55 -26.46 0.99
N SER A 121 12.91 -25.17 1.25
CA SER A 121 14.03 -24.55 0.57
C SER A 121 15.30 -24.73 1.38
N HIS A 122 15.14 -25.30 2.58
CA HIS A 122 16.27 -25.54 3.45
C HIS A 122 16.78 -24.27 4.07
N ILE A 123 15.87 -23.32 4.26
CA ILE A 123 16.26 -22.05 4.86
C ILE A 123 16.03 -22.18 6.34
N GLU A 124 16.99 -21.76 7.11
CA GLU A 124 16.85 -21.79 8.55
C GLU A 124 16.06 -20.58 9.04
N ILE A 125 15.17 -20.78 10.02
CA ILE A 125 14.35 -19.69 10.57
C ILE A 125 14.84 -19.47 11.98
N ILE A 126 15.43 -18.32 12.24
CA ILE A 126 15.91 -17.98 13.57
C ILE A 126 14.86 -17.08 14.13
N ARG A 127 14.22 -17.53 15.20
CA ARG A 127 13.10 -16.81 15.80
C ARG A 127 13.60 -15.83 16.87
N GLY A 128 13.20 -14.56 16.79
CA GLY A 128 13.67 -13.63 17.80
C GLY A 128 14.01 -12.28 17.17
N HIS A 129 14.48 -11.34 17.99
CA HIS A 129 14.75 -9.99 17.51
C HIS A 129 16.24 -9.76 17.31
N ALA A 130 16.62 -9.46 16.06
CA ALA A 130 18.05 -9.29 15.72
C ALA A 130 18.54 -7.88 15.97
N ALA A 131 19.81 -7.75 16.34
CA ALA A 131 20.44 -6.43 16.50
C ALA A 131 21.89 -6.64 16.14
N PHE A 132 22.50 -5.63 15.52
CA PHE A 132 23.89 -5.68 15.15
C PHE A 132 24.76 -5.64 16.39
N THR A 133 25.97 -6.19 16.28
CA THR A 133 26.91 -6.10 17.39
C THR A 133 28.04 -5.13 17.04
N SER A 134 28.83 -4.91 18.09
CA SER A 134 29.98 -4.03 18.12
C SER A 134 31.09 -4.64 17.32
N ASP A 135 31.00 -5.96 17.08
CA ASP A 135 32.01 -6.68 16.32
C ASP A 135 32.31 -5.97 15.03
N PRO A 136 33.58 -6.10 14.76
CA PRO A 136 34.26 -5.59 13.59
C PRO A 136 33.55 -6.09 12.34
N LYS A 137 33.70 -7.39 12.04
CA LYS A 137 32.96 -7.92 10.90
C LYS A 137 31.48 -7.97 11.30
N PRO A 138 30.64 -7.43 10.42
CA PRO A 138 29.21 -7.34 10.68
C PRO A 138 28.64 -8.66 11.19
N THR A 139 28.13 -8.59 12.40
CA THR A 139 27.63 -9.71 13.12
C THR A 139 26.40 -9.27 13.91
N ILE A 140 25.35 -10.12 13.91
CA ILE A 140 24.11 -9.90 14.65
C ILE A 140 24.00 -10.86 15.82
N GLU A 141 23.20 -10.40 16.77
CA GLU A 141 22.88 -11.17 17.95
C GLU A 141 21.37 -11.35 18.09
N VAL A 142 20.94 -12.59 18.30
CA VAL A 142 19.54 -12.91 18.49
C VAL A 142 19.42 -13.83 19.68
N SER A 143 18.90 -13.31 20.80
CA SER A 143 18.69 -14.13 21.98
C SER A 143 19.99 -14.67 22.56
N GLY A 144 21.03 -13.85 22.59
CA GLY A 144 22.29 -14.28 23.17
C GLY A 144 23.25 -14.94 22.17
N LYS A 145 22.76 -15.48 21.06
CA LYS A 145 23.64 -16.14 20.13
C LYS A 145 24.04 -15.24 19.00
N LYS A 146 25.25 -15.44 18.50
CA LYS A 146 25.76 -14.65 17.41
C LYS A 146 25.66 -15.40 16.09
N TYR A 147 25.45 -14.64 14.99
CA TYR A 147 25.34 -15.15 13.64
C TYR A 147 26.06 -14.21 12.72
N THR A 148 26.67 -14.71 11.63
CA THR A 148 27.38 -13.79 10.74
C THR A 148 27.27 -14.32 9.33
N ALA A 149 27.60 -13.49 8.34
CA ALA A 149 27.55 -13.89 6.93
C ALA A 149 28.27 -12.83 6.15
N PRO A 150 28.80 -13.19 5.01
CA PRO A 150 29.47 -12.19 4.21
C PRO A 150 28.45 -11.26 3.57
N HIS A 151 27.18 -11.68 3.54
CA HIS A 151 26.09 -10.89 2.97
C HIS A 151 24.95 -10.91 3.96
N ILE A 152 24.58 -9.73 4.49
CA ILE A 152 23.49 -9.57 5.45
C ILE A 152 22.43 -8.64 4.82
N LEU A 153 21.17 -9.07 4.75
CA LEU A 153 20.10 -8.25 4.21
C LEU A 153 19.19 -7.73 5.34
N ILE A 154 18.96 -6.41 5.40
CA ILE A 154 18.06 -5.87 6.40
C ILE A 154 16.74 -5.64 5.70
N ALA A 155 15.66 -6.29 6.15
CA ALA A 155 14.36 -6.14 5.47
C ALA A 155 13.30 -6.16 6.53
N THR A 156 13.49 -5.29 7.53
CA THR A 156 12.68 -5.20 8.73
C THR A 156 11.39 -4.39 8.58
N GLY A 157 11.08 -3.86 7.41
CA GLY A 157 9.83 -3.20 7.13
C GLY A 157 9.67 -1.91 7.93
N GLY A 158 8.41 -1.57 8.17
CA GLY A 158 8.06 -0.38 8.94
C GLY A 158 6.86 -0.64 9.86
N MET A 159 6.31 0.46 10.42
CA MET A 159 5.14 0.48 11.30
C MET A 159 4.35 1.73 11.03
N PRO A 160 3.15 1.69 11.55
CA PRO A 160 2.27 2.81 11.41
C PRO A 160 2.81 3.96 12.22
N SER A 161 2.64 5.11 11.64
CA SER A 161 3.06 6.30 12.34
C SER A 161 1.86 6.81 13.16
N THR A 162 2.10 7.29 14.39
CA THR A 162 1.09 7.90 15.26
C THR A 162 1.59 9.24 15.81
N PRO A 163 0.66 10.16 16.11
CA PRO A 163 0.98 11.43 16.69
C PRO A 163 1.41 11.28 18.12
N HIS A 164 2.28 12.20 18.52
CA HIS A 164 2.74 12.27 19.89
C HIS A 164 1.66 12.96 20.68
N GLU A 165 1.52 12.50 21.91
CA GLU A 165 0.64 13.07 22.88
C GLU A 165 1.05 14.54 23.14
N SER A 166 2.33 14.85 22.99
CA SER A 166 2.78 16.22 23.14
C SER A 166 2.18 17.17 22.10
N GLN A 167 2.00 16.70 20.85
CA GLN A 167 1.40 17.54 19.82
C GLN A 167 -0.13 17.41 19.75
N ILE A 168 -0.66 16.19 19.92
CA ILE A 168 -2.09 15.98 19.89
C ILE A 168 -2.46 15.16 21.11
N PRO A 169 -2.87 15.86 22.14
CA PRO A 169 -3.22 15.18 23.37
C PRO A 169 -4.38 14.21 23.13
N GLY A 170 -4.21 13.00 23.65
CA GLY A 170 -5.18 11.94 23.47
C GLY A 170 -4.95 11.20 22.15
N ALA A 171 -3.86 11.44 21.45
CA ALA A 171 -3.69 10.79 20.14
C ALA A 171 -3.72 9.28 20.29
N SER A 172 -3.24 8.82 21.46
CA SER A 172 -3.13 7.40 21.76
C SER A 172 -4.46 6.68 21.96
N LEU A 173 -5.60 7.39 21.95
CA LEU A 173 -6.93 6.80 22.03
C LEU A 173 -7.36 6.33 20.62
N GLY A 174 -6.59 6.73 19.61
CA GLY A 174 -6.90 6.35 18.24
C GLY A 174 -6.13 5.08 17.91
N ILE A 175 -6.58 4.41 16.86
CA ILE A 175 -5.94 3.16 16.44
C ILE A 175 -5.22 3.38 15.11
N THR A 176 -4.46 2.37 14.65
CA THR A 176 -3.81 2.41 13.34
C THR A 176 -4.34 1.24 12.54
N SER A 177 -3.84 1.06 11.29
CA SER A 177 -4.27 -0.04 10.46
C SER A 177 -4.02 -1.37 11.20
N ASP A 178 -3.03 -1.41 12.09
CA ASP A 178 -2.78 -2.64 12.86
C ASP A 178 -3.96 -2.94 13.75
N GLY A 179 -4.47 -1.88 14.40
CA GLY A 179 -5.59 -2.00 15.29
C GLY A 179 -6.88 -2.26 14.53
N PHE A 180 -6.94 -1.84 13.26
CA PHE A 180 -8.14 -2.10 12.47
C PHE A 180 -8.39 -3.62 12.34
N PHE A 181 -7.27 -4.35 12.21
CA PHE A 181 -7.29 -5.78 12.00
C PHE A 181 -7.57 -6.53 13.26
N GLN A 182 -7.65 -5.80 14.39
CA GLN A 182 -8.02 -6.43 15.65
C GLN A 182 -9.47 -6.18 16.04
N LEU A 183 -10.14 -5.27 15.34
CA LEU A 183 -11.51 -4.93 15.71
C LEU A 183 -12.36 -6.19 15.66
N GLU A 184 -13.29 -6.34 16.60
CA GLU A 184 -14.16 -7.51 16.59
C GLU A 184 -15.58 -7.18 16.19
N GLU A 185 -15.92 -5.90 16.19
CA GLU A 185 -17.26 -5.46 15.79
C GLU A 185 -17.11 -4.23 14.87
N LEU A 186 -18.10 -4.04 14.06
CA LEU A 186 -18.10 -2.89 13.18
C LEU A 186 -18.35 -1.65 14.04
N PRO A 187 -17.43 -0.71 14.04
CA PRO A 187 -17.64 0.54 14.78
C PRO A 187 -18.84 1.31 14.20
N GLY A 188 -19.63 1.90 15.12
CA GLY A 188 -20.83 2.65 14.78
C GLY A 188 -20.48 3.94 14.04
N ARG A 189 -19.55 4.69 14.62
CA ARG A 189 -19.17 5.96 14.08
C ARG A 189 -17.66 5.96 13.89
N SER A 190 -17.17 6.24 12.69
CA SER A 190 -15.72 6.18 12.64
C SER A 190 -15.17 7.42 11.96
N VAL A 191 -13.99 7.83 12.41
CA VAL A 191 -13.32 9.00 11.86
C VAL A 191 -11.92 8.57 11.45
N ILE A 192 -11.61 8.82 10.18
CA ILE A 192 -10.33 8.44 9.63
C ILE A 192 -9.51 9.68 9.32
N VAL A 193 -8.27 9.70 9.81
CA VAL A 193 -7.38 10.83 9.59
C VAL A 193 -6.27 10.49 8.59
N GLY A 194 -6.19 11.27 7.50
CA GLY A 194 -5.15 11.08 6.50
C GLY A 194 -5.74 11.07 5.11
N ALA A 195 -4.91 11.25 4.09
CA ALA A 195 -5.47 11.34 2.78
C ALA A 195 -4.73 10.44 1.78
N GLY A 196 -4.12 9.34 2.26
CA GLY A 196 -3.33 8.52 1.36
C GLY A 196 -4.04 7.19 1.10
N TYR A 197 -3.27 6.18 0.79
CA TYR A 197 -3.81 4.87 0.45
C TYR A 197 -4.69 4.27 1.52
N ILE A 198 -4.13 4.13 2.73
CA ILE A 198 -4.83 3.46 3.82
C ILE A 198 -6.11 4.21 4.23
N ALA A 199 -6.04 5.55 4.23
CA ALA A 199 -7.20 6.35 4.57
C ALA A 199 -8.31 6.08 3.58
N VAL A 200 -7.99 6.13 2.30
CA VAL A 200 -8.99 5.96 1.27
C VAL A 200 -9.57 4.54 1.32
N GLU A 201 -8.68 3.57 1.55
CA GLU A 201 -9.10 2.16 1.55
C GLU A 201 -9.99 1.86 2.73
N MET A 202 -9.51 2.26 3.89
CA MET A 202 -10.26 1.96 5.08
C MET A 202 -11.57 2.71 5.14
N ALA A 203 -11.59 3.98 4.72
CA ALA A 203 -12.84 4.72 4.71
C ALA A 203 -13.83 4.03 3.81
N GLY A 204 -13.38 3.57 2.62
CA GLY A 204 -14.25 2.91 1.67
C GLY A 204 -14.85 1.58 2.21
N ILE A 205 -14.03 0.80 2.95
CA ILE A 205 -14.47 -0.46 3.57
C ILE A 205 -15.46 -0.22 4.71
N LEU A 206 -15.12 0.66 5.68
CA LEU A 206 -15.94 0.99 6.85
C LEU A 206 -17.31 1.51 6.41
N SER A 207 -17.29 2.45 5.48
CA SER A 207 -18.50 3.02 4.94
C SER A 207 -19.43 1.98 4.26
N ALA A 208 -18.90 1.14 3.33
CA ALA A 208 -19.71 0.15 2.63
C ALA A 208 -20.33 -0.83 3.60
N LEU A 209 -19.63 -1.12 4.70
CA LEU A 209 -20.09 -2.05 5.70
C LEU A 209 -21.06 -1.44 6.72
N GLY A 210 -21.38 -0.15 6.61
CA GLY A 210 -22.37 0.43 7.47
C GLY A 210 -21.89 1.39 8.55
N SER A 211 -20.60 1.62 8.69
CA SER A 211 -20.14 2.55 9.72
C SER A 211 -20.39 3.96 9.22
N LYS A 212 -20.76 4.87 10.12
CA LYS A 212 -20.98 6.26 9.71
C LYS A 212 -19.60 6.88 9.74
N THR A 213 -19.04 7.04 8.56
CA THR A 213 -17.66 7.43 8.36
C THR A 213 -17.37 8.85 7.88
N SER A 214 -16.37 9.45 8.51
CA SER A 214 -15.82 10.76 8.18
C SER A 214 -14.35 10.54 7.86
N LEU A 215 -13.90 11.19 6.80
CA LEU A 215 -12.49 11.19 6.41
C LEU A 215 -11.98 12.62 6.57
N MET A 216 -11.01 12.79 7.44
CA MET A 216 -10.47 14.11 7.75
C MET A 216 -9.11 14.34 7.04
N ILE A 217 -9.07 15.27 6.07
CA ILE A 217 -7.91 15.50 5.22
C ILE A 217 -7.44 16.96 5.35
N ARG A 218 -6.13 17.18 5.27
CA ARG A 218 -5.54 18.48 5.47
C ARG A 218 -5.79 19.46 4.32
N HIS A 219 -6.13 18.96 3.13
CA HIS A 219 -6.42 19.84 2.04
C HIS A 219 -7.82 19.61 1.53
N ASP A 220 -7.98 19.66 0.21
CA ASP A 220 -9.32 19.51 -0.35
C ASP A 220 -9.57 18.19 -1.12
N LYS A 221 -8.52 17.40 -1.39
CA LYS A 221 -8.61 16.17 -2.15
C LYS A 221 -7.70 15.15 -1.53
N VAL A 222 -8.08 13.88 -1.76
CA VAL A 222 -7.29 12.73 -1.34
C VAL A 222 -6.31 12.39 -2.46
N LEU A 223 -5.29 11.62 -2.12
CA LEU A 223 -4.35 11.14 -3.10
C LEU A 223 -3.79 12.27 -3.94
N ARG A 224 -3.28 13.27 -3.26
CA ARG A 224 -2.82 14.48 -3.95
C ARG A 224 -1.54 14.24 -4.78
N SER A 225 -0.84 13.11 -4.56
CA SER A 225 0.33 12.79 -5.36
C SER A 225 0.05 11.99 -6.64
N PHE A 226 -1.22 11.61 -6.85
CA PHE A 226 -1.67 10.88 -8.04
C PHE A 226 -2.02 11.94 -9.08
N ASP A 227 -2.23 11.51 -10.30
CA ASP A 227 -2.60 12.42 -11.33
C ASP A 227 -3.82 13.19 -10.83
N SER A 228 -3.90 14.47 -11.15
CA SER A 228 -4.99 15.26 -10.65
C SER A 228 -6.38 14.77 -11.06
N MET A 229 -6.49 14.07 -12.20
CA MET A 229 -7.78 13.50 -12.58
C MET A 229 -8.26 12.47 -11.55
N ILE A 230 -7.30 11.68 -11.06
CA ILE A 230 -7.57 10.67 -10.07
C ILE A 230 -7.89 11.29 -8.73
N SER A 231 -7.11 12.26 -8.29
CA SER A 231 -7.44 12.78 -6.98
C SER A 231 -8.79 13.44 -6.96
N THR A 232 -9.15 14.10 -8.03
CA THR A 232 -10.46 14.72 -8.10
C THR A 232 -11.55 13.68 -8.13
N ASN A 233 -11.46 12.73 -9.05
CA ASN A 233 -12.50 11.73 -9.20
C ASN A 233 -12.63 10.91 -7.94
N CYS A 234 -11.50 10.55 -7.33
CA CYS A 234 -11.57 9.71 -6.16
C CYS A 234 -12.30 10.39 -4.99
N THR A 235 -12.06 11.69 -4.82
CA THR A 235 -12.68 12.45 -3.75
C THR A 235 -14.18 12.52 -3.95
N GLU A 236 -14.58 12.70 -5.19
CA GLU A 236 -16.00 12.73 -5.48
C GLU A 236 -16.65 11.38 -5.27
N GLU A 237 -15.96 10.28 -5.68
CA GLU A 237 -16.54 8.96 -5.55
C GLU A 237 -16.77 8.62 -4.08
N LEU A 238 -15.84 9.03 -3.25
CA LEU A 238 -16.01 8.82 -1.80
C LEU A 238 -17.29 9.55 -1.34
N GLU A 239 -17.46 10.80 -1.75
CA GLU A 239 -18.65 11.55 -1.31
C GLU A 239 -19.93 10.94 -1.79
N ASN A 240 -19.94 10.54 -3.04
CA ASN A 240 -21.07 9.86 -3.61
C ASN A 240 -21.40 8.54 -2.90
N ALA A 241 -20.42 7.91 -2.23
CA ALA A 241 -20.60 6.61 -1.58
C ALA A 241 -21.02 6.76 -0.11
N GLY A 242 -21.15 8.01 0.36
CA GLY A 242 -21.62 8.34 1.71
C GLY A 242 -20.55 8.67 2.73
N VAL A 243 -19.30 8.78 2.25
CA VAL A 243 -18.21 9.14 3.14
C VAL A 243 -18.22 10.66 3.29
N GLU A 244 -18.21 11.17 4.53
CA GLU A 244 -18.12 12.60 4.71
C GLU A 244 -16.68 13.08 4.70
N VAL A 245 -16.27 13.84 3.71
CA VAL A 245 -14.89 14.29 3.64
C VAL A 245 -14.83 15.67 4.26
N LEU A 246 -14.09 15.78 5.36
CA LEU A 246 -13.85 17.00 6.09
C LEU A 246 -12.60 17.67 5.55
N LYS A 247 -12.74 18.64 4.65
CA LYS A 247 -11.56 19.29 4.05
C LYS A 247 -10.92 20.36 4.93
N PHE A 248 -9.64 20.58 4.65
CA PHE A 248 -8.84 21.56 5.38
C PHE A 248 -8.97 21.37 6.86
N SER A 249 -9.01 20.12 7.32
CA SER A 249 -9.22 19.92 8.76
C SER A 249 -8.16 19.05 9.37
N GLN A 250 -7.92 19.24 10.67
CA GLN A 250 -6.98 18.43 11.43
C GLN A 250 -7.33 18.34 12.89
N VAL A 251 -6.89 17.25 13.48
CA VAL A 251 -7.21 16.97 14.86
C VAL A 251 -6.41 17.84 15.84
N LYS A 252 -7.11 18.40 16.82
CA LYS A 252 -6.44 19.26 17.77
C LYS A 252 -6.30 18.50 19.07
N GLU A 253 -7.27 17.62 19.35
CA GLU A 253 -7.17 16.84 20.56
C GLU A 253 -8.26 15.80 20.60
N VAL A 254 -8.01 14.76 21.37
CA VAL A 254 -8.96 13.68 21.47
C VAL A 254 -9.22 13.41 22.93
N LYS A 255 -10.46 13.13 23.29
CA LYS A 255 -10.74 12.76 24.68
C LYS A 255 -11.83 11.70 24.79
N LYS A 256 -11.71 10.90 25.85
CA LYS A 256 -12.55 9.76 26.17
C LYS A 256 -13.74 10.25 26.97
N THR A 257 -14.90 10.39 26.35
CA THR A 257 -16.09 10.86 27.00
C THR A 257 -16.80 9.64 27.52
N LEU A 258 -18.04 9.85 27.99
CA LEU A 258 -18.88 8.84 28.62
C LEU A 258 -19.18 7.66 27.69
N SER A 259 -19.39 8.01 26.43
CA SER A 259 -19.71 7.01 25.43
C SER A 259 -19.02 7.31 24.11
N GLY A 260 -17.76 6.90 24.10
CA GLY A 260 -16.92 7.03 22.93
C GLY A 260 -15.92 8.16 23.08
N LEU A 261 -15.38 8.55 21.95
CA LEU A 261 -14.36 9.57 21.90
C LEU A 261 -15.03 10.82 21.41
N GLU A 262 -14.34 11.91 21.71
CA GLU A 262 -14.78 13.20 21.23
C GLU A 262 -13.59 13.86 20.60
N VAL A 263 -13.73 14.21 19.32
CA VAL A 263 -12.63 14.71 18.54
C VAL A 263 -12.76 16.20 18.34
N SER A 264 -11.73 16.91 18.72
CA SER A 264 -11.69 18.33 18.52
C SER A 264 -10.94 18.56 17.25
N MET A 265 -11.56 19.26 16.31
CA MET A 265 -10.85 19.58 15.12
C MET A 265 -10.92 21.07 14.78
N VAL A 266 -9.91 21.48 14.01
CA VAL A 266 -9.82 22.82 13.49
C VAL A 266 -9.93 22.71 11.98
N THR A 267 -10.84 23.50 11.39
CA THR A 267 -11.07 23.54 9.97
C THR A 267 -10.58 24.92 9.49
N ALA A 268 -9.62 24.99 8.56
CA ALA A 268 -9.06 26.27 8.12
C ALA A 268 -9.10 26.35 6.62
N VAL A 269 -10.28 26.61 6.08
CA VAL A 269 -10.42 26.76 4.65
C VAL A 269 -9.69 28.00 4.24
N PRO A 270 -8.92 27.95 3.16
CA PRO A 270 -8.22 29.16 2.85
C PRO A 270 -9.20 30.24 2.41
N GLY A 271 -9.01 31.44 2.95
CA GLY A 271 -9.88 32.58 2.64
C GLY A 271 -11.03 32.62 3.64
N ARG A 272 -10.79 32.01 4.77
CA ARG A 272 -11.84 31.95 5.74
C ARG A 272 -11.22 31.98 7.10
N LEU A 273 -12.06 32.24 8.10
CA LEU A 273 -11.53 32.17 9.43
C LEU A 273 -11.61 30.71 9.87
N PRO A 274 -10.60 30.27 10.64
CA PRO A 274 -10.54 28.94 11.19
C PRO A 274 -11.71 28.76 12.13
N VAL A 275 -12.19 27.51 12.21
CA VAL A 275 -13.30 27.21 13.06
C VAL A 275 -13.03 25.88 13.78
N MET A 276 -13.33 25.84 15.07
CA MET A 276 -13.13 24.65 15.89
C MET A 276 -14.47 23.91 16.02
N THR A 277 -14.43 22.59 15.83
CA THR A 277 -15.61 21.72 15.90
C THR A 277 -15.32 20.51 16.78
N MET A 278 -16.34 20.03 17.45
CA MET A 278 -16.16 18.83 18.26
C MET A 278 -16.91 17.75 17.52
N ILE A 279 -16.32 16.55 17.42
CA ILE A 279 -17.01 15.40 16.84
C ILE A 279 -17.20 14.43 18.00
N PRO A 280 -18.46 14.26 18.38
CA PRO A 280 -18.84 13.47 19.54
C PRO A 280 -19.24 12.07 19.14
N ASP A 281 -19.23 11.22 20.16
CA ASP A 281 -19.68 9.85 20.07
C ASP A 281 -18.95 9.06 19.00
N VAL A 282 -17.62 9.19 18.99
CA VAL A 282 -16.84 8.48 18.00
C VAL A 282 -16.41 7.12 18.54
N ASP A 283 -16.66 6.07 17.76
CA ASP A 283 -16.34 4.74 18.21
C ASP A 283 -14.91 4.41 17.85
N CYS A 284 -14.54 4.81 16.64
CA CYS A 284 -13.24 4.48 16.12
C CYS A 284 -12.52 5.70 15.54
N LEU A 285 -11.33 5.99 16.05
CA LEU A 285 -10.50 7.05 15.51
C LEU A 285 -9.30 6.38 14.87
N LEU A 286 -9.18 6.47 13.55
CA LEU A 286 -8.13 5.76 12.84
C LEU A 286 -7.11 6.70 12.24
N TRP A 287 -5.86 6.57 12.71
CA TRP A 287 -4.71 7.36 12.22
C TRP A 287 -4.16 6.67 10.99
N ALA A 288 -4.22 7.34 9.84
CA ALA A 288 -3.72 6.79 8.58
C ALA A 288 -2.85 7.84 7.93
N ILE A 289 -1.81 8.17 8.69
CA ILE A 289 -0.90 9.25 8.36
C ILE A 289 0.52 8.86 7.89
N GLY A 290 0.78 7.61 7.50
CA GLY A 290 2.08 7.21 6.97
C GLY A 290 2.69 6.10 7.83
N ARG A 291 3.91 5.71 7.49
CA ARG A 291 4.56 4.63 8.20
C ARG A 291 5.97 5.07 8.53
N VAL A 292 6.52 4.49 9.60
CA VAL A 292 7.87 4.79 9.98
C VAL A 292 8.73 3.52 9.84
N PRO A 293 10.02 3.66 9.48
CA PRO A 293 10.85 2.48 9.25
C PRO A 293 11.15 1.82 10.58
N ASN A 294 11.39 0.52 10.54
CA ASN A 294 11.63 -0.20 11.76
C ASN A 294 13.15 -0.42 11.86
N THR A 295 13.89 0.57 12.32
CA THR A 295 15.36 0.48 12.36
C THR A 295 15.89 0.88 13.74
N LYS A 296 14.96 1.40 14.49
CA LYS A 296 15.18 1.92 15.81
C LYS A 296 15.99 0.97 16.69
N ASP A 297 15.56 -0.29 16.78
CA ASP A 297 16.23 -1.22 17.69
C ASP A 297 17.25 -2.16 17.05
N LEU A 298 17.83 -1.78 15.92
CA LEU A 298 18.77 -2.61 15.16
C LEU A 298 20.24 -2.41 15.61
N SER A 299 20.51 -1.29 16.29
CA SER A 299 21.88 -0.94 16.67
C SER A 299 22.71 -0.63 15.44
N LEU A 300 22.12 0.05 14.46
CA LEU A 300 22.78 0.37 13.20
C LEU A 300 24.03 1.16 13.41
N ASN A 301 23.94 2.05 14.38
CA ASN A 301 25.02 2.98 14.66
C ASN A 301 26.27 2.25 15.09
N LYS A 302 26.16 0.99 15.55
CA LYS A 302 27.36 0.24 15.97
C LYS A 302 28.20 -0.11 14.76
N LEU A 303 27.61 -0.03 13.58
CA LEU A 303 28.32 -0.30 12.34
C LEU A 303 28.43 0.98 11.50
N GLY A 304 27.75 2.04 11.96
CA GLY A 304 27.77 3.31 11.25
C GLY A 304 26.98 3.21 9.97
N ILE A 305 25.90 2.43 9.96
CA ILE A 305 25.09 2.33 8.76
C ILE A 305 24.28 3.63 8.63
N GLN A 306 24.23 4.21 7.45
CA GLN A 306 23.57 5.50 7.20
C GLN A 306 22.04 5.36 7.14
N THR A 307 21.34 6.29 7.78
CA THR A 307 19.89 6.36 7.72
C THR A 307 19.52 7.83 7.46
N ASP A 308 18.31 8.11 7.00
CA ASP A 308 17.93 9.51 6.78
C ASP A 308 17.42 9.98 8.12
N ASP A 309 16.82 11.16 8.14
CA ASP A 309 16.34 11.57 9.44
C ASP A 309 15.03 10.93 9.88
N LYS A 310 14.35 10.16 9.02
CA LYS A 310 13.16 9.45 9.47
C LYS A 310 13.55 8.06 9.99
N GLY A 311 14.82 7.68 9.84
CA GLY A 311 15.22 6.37 10.28
C GLY A 311 15.31 5.40 9.10
N HIS A 312 15.10 5.86 7.87
CA HIS A 312 15.19 4.94 6.74
C HIS A 312 16.64 4.58 6.46
N ILE A 313 16.86 3.36 6.00
CA ILE A 313 18.20 2.98 5.62
C ILE A 313 18.49 3.48 4.22
N ILE A 314 19.65 4.12 4.02
CA ILE A 314 20.06 4.66 2.72
C ILE A 314 20.69 3.55 1.85
N VAL A 315 20.28 3.40 0.59
CA VAL A 315 20.89 2.38 -0.24
C VAL A 315 21.14 2.99 -1.59
N ASP A 316 21.98 2.34 -2.36
CA ASP A 316 22.22 2.74 -3.74
C ASP A 316 21.25 1.98 -4.65
N GLU A 317 21.49 2.07 -5.99
CA GLU A 317 20.62 1.49 -7.01
C GLU A 317 20.65 -0.04 -6.99
N PHE A 318 21.66 -0.57 -6.29
CA PHE A 318 21.83 -2.03 -6.13
C PHE A 318 21.43 -2.49 -4.73
N GLN A 319 20.84 -1.60 -3.92
CA GLN A 319 20.40 -1.97 -2.58
C GLN A 319 21.55 -2.07 -1.60
N ASN A 320 22.74 -1.57 -1.99
CA ASN A 320 23.84 -1.55 -1.07
C ASN A 320 23.68 -0.45 -0.01
N THR A 321 24.09 -0.71 1.23
CA THR A 321 24.13 0.34 2.24
C THR A 321 25.52 0.95 2.09
N ASN A 322 25.96 1.76 3.04
CA ASN A 322 27.28 2.39 2.94
C ASN A 322 28.36 1.44 3.41
N VAL A 323 27.89 0.36 4.07
CA VAL A 323 28.78 -0.64 4.63
C VAL A 323 28.81 -1.88 3.73
N LYS A 324 30.01 -2.33 3.38
CA LYS A 324 30.19 -3.51 2.55
C LYS A 324 29.65 -4.79 3.17
N GLY A 325 28.86 -5.49 2.32
CA GLY A 325 28.25 -6.77 2.69
C GLY A 325 26.93 -6.63 3.46
N ILE A 326 26.39 -5.39 3.53
CA ILE A 326 25.10 -5.13 4.19
C ILE A 326 24.19 -4.46 3.18
N TYR A 327 22.98 -5.00 2.99
CA TYR A 327 22.01 -4.53 2.00
C TYR A 327 20.71 -4.26 2.73
N ALA A 328 19.80 -3.57 2.06
CA ALA A 328 18.48 -3.31 2.63
C ALA A 328 17.48 -3.28 1.46
N VAL A 329 16.28 -3.85 1.68
CA VAL A 329 15.26 -3.78 0.65
C VAL A 329 13.92 -3.60 1.30
N GLY A 330 12.91 -3.20 0.51
CA GLY A 330 11.56 -3.10 1.04
C GLY A 330 11.26 -1.81 1.79
N ASP A 331 10.18 -1.82 2.55
CA ASP A 331 9.68 -0.65 3.22
C ASP A 331 10.72 0.08 4.08
N VAL A 332 11.68 -0.64 4.63
CA VAL A 332 12.65 -0.01 5.49
C VAL A 332 13.50 1.06 4.79
N CYS A 333 13.60 1.00 3.45
CA CYS A 333 14.36 1.94 2.62
C CYS A 333 13.52 3.16 2.25
N GLY A 334 12.22 3.06 2.53
CA GLY A 334 11.26 4.15 2.35
C GLY A 334 10.95 4.54 0.92
N LYS A 335 11.18 3.68 -0.05
CA LYS A 335 10.87 4.04 -1.41
C LYS A 335 10.02 2.97 -2.09
N ALA A 336 8.91 3.40 -2.71
CA ALA A 336 7.94 2.52 -3.33
C ALA A 336 7.51 1.43 -2.34
N LEU A 337 6.76 1.81 -1.30
CA LEU A 337 6.36 0.90 -0.24
C LEU A 337 5.22 -0.01 -0.70
N LEU A 338 5.56 -1.08 -1.50
CA LEU A 338 4.60 -2.04 -2.04
C LEU A 338 5.20 -3.45 -1.92
N THR A 339 4.35 -4.45 -1.72
CA THR A 339 4.82 -5.82 -1.57
C THR A 339 5.60 -6.28 -2.79
N PRO A 340 5.02 -6.12 -3.98
CA PRO A 340 5.72 -6.64 -5.12
C PRO A 340 7.07 -5.97 -5.40
N VAL A 341 7.29 -4.75 -4.89
CA VAL A 341 8.56 -4.02 -5.03
C VAL A 341 9.64 -4.63 -4.12
N ALA A 342 9.25 -4.95 -2.90
CA ALA A 342 10.14 -5.55 -1.93
C ALA A 342 10.59 -6.90 -2.51
N ILE A 343 9.64 -7.66 -3.04
CA ILE A 343 9.91 -8.98 -3.62
C ILE A 343 10.87 -8.88 -4.82
N ALA A 344 10.53 -8.07 -5.82
CA ALA A 344 11.38 -7.87 -6.99
C ALA A 344 12.78 -7.37 -6.61
N ALA A 345 12.86 -6.39 -5.71
CA ALA A 345 14.18 -5.90 -5.30
C ALA A 345 14.95 -7.02 -4.57
N GLY A 346 14.29 -7.82 -3.71
CA GLY A 346 14.96 -8.89 -2.96
C GLY A 346 15.47 -9.98 -3.92
N ARG A 347 14.70 -10.25 -4.97
CA ARG A 347 15.06 -11.27 -5.94
C ARG A 347 16.19 -10.79 -6.81
N LYS A 348 16.10 -9.56 -7.35
CA LYS A 348 17.21 -9.10 -8.18
C LYS A 348 18.51 -9.12 -7.37
N LEU A 349 18.37 -8.86 -6.08
CA LEU A 349 19.54 -8.80 -5.23
C LEU A 349 20.14 -10.20 -5.05
N ALA A 350 19.32 -11.23 -4.91
CA ALA A 350 19.85 -12.59 -4.81
C ALA A 350 20.61 -12.97 -6.09
N HIS A 351 20.07 -12.60 -7.27
CA HIS A 351 20.77 -12.92 -8.51
C HIS A 351 22.12 -12.21 -8.60
N ARG A 352 22.17 -10.95 -8.13
CA ARG A 352 23.43 -10.22 -8.17
C ARG A 352 24.46 -10.89 -7.26
N LEU A 353 24.06 -11.23 -6.04
CA LEU A 353 24.97 -11.79 -5.06
C LEU A 353 25.40 -13.22 -5.35
N PHE A 354 24.44 -14.10 -5.67
CA PHE A 354 24.69 -15.53 -5.83
C PHE A 354 24.75 -16.05 -7.24
N GLU A 355 24.45 -15.19 -8.21
CA GLU A 355 24.60 -15.63 -9.57
C GLU A 355 25.55 -14.71 -10.30
N TYR A 356 26.18 -13.82 -9.55
CA TYR A 356 27.20 -12.91 -10.06
C TYR A 356 26.71 -12.05 -11.21
N LYS A 357 25.41 -11.72 -11.23
CA LYS A 357 24.87 -10.83 -12.25
C LYS A 357 25.03 -9.40 -11.76
N GLU A 358 26.19 -8.80 -12.01
CA GLU A 358 26.48 -7.48 -11.49
C GLU A 358 25.50 -6.35 -11.89
N ASP A 359 24.80 -6.53 -13.00
CA ASP A 359 23.87 -5.55 -13.51
C ASP A 359 22.48 -5.81 -12.95
N SER A 360 22.37 -6.81 -12.08
CA SER A 360 21.07 -7.18 -11.51
C SER A 360 20.58 -6.18 -10.48
N LYS A 361 19.51 -5.49 -10.88
CA LYS A 361 18.84 -4.53 -10.02
C LYS A 361 17.43 -4.21 -10.52
N LEU A 362 16.60 -3.68 -9.61
CA LEU A 362 15.22 -3.31 -9.91
C LEU A 362 15.15 -1.88 -10.45
N ASP A 363 14.46 -1.70 -11.57
CA ASP A 363 14.17 -0.39 -12.15
C ASP A 363 12.96 0.13 -11.39
N TYR A 364 13.09 1.26 -10.70
CA TYR A 364 12.00 1.84 -9.96
C TYR A 364 11.05 2.68 -10.76
N ASN A 365 11.23 2.73 -12.09
CA ASN A 365 10.31 3.44 -12.96
C ASN A 365 9.23 2.52 -13.43
N ASN A 366 8.07 3.13 -13.65
CA ASN A 366 6.93 2.42 -14.19
C ASN A 366 6.47 1.24 -13.33
N ILE A 367 6.46 1.41 -12.01
CA ILE A 367 5.92 0.40 -11.11
C ILE A 367 4.42 0.67 -11.05
N PRO A 368 3.57 -0.31 -11.33
CA PRO A 368 2.15 -0.09 -11.31
C PRO A 368 1.64 -0.27 -9.90
N THR A 369 0.49 0.37 -9.64
CA THR A 369 -0.07 0.32 -8.30
C THR A 369 -1.58 0.41 -8.39
N VAL A 370 -2.25 -0.31 -7.54
CA VAL A 370 -3.74 -0.26 -7.51
C VAL A 370 -4.13 0.22 -6.12
N VAL A 371 -5.11 1.14 -6.07
CA VAL A 371 -5.68 1.57 -4.80
C VAL A 371 -7.06 0.90 -4.73
N PHE A 372 -7.27 0.11 -3.67
CA PHE A 372 -8.50 -0.66 -3.50
C PHE A 372 -9.57 0.22 -2.90
N SER A 373 -9.96 1.19 -3.72
CA SER A 373 -11.06 2.07 -3.39
C SER A 373 -12.28 1.50 -4.07
N HIS A 374 -13.37 2.26 -4.05
CA HIS A 374 -14.59 1.88 -4.73
C HIS A 374 -15.03 3.05 -5.60
N PRO A 375 -14.90 2.94 -6.92
CA PRO A 375 -14.29 1.81 -7.57
C PRO A 375 -12.78 1.91 -7.43
N PRO A 376 -12.05 0.82 -7.74
CA PRO A 376 -10.60 0.77 -7.57
C PRO A 376 -9.86 1.67 -8.55
N ILE A 377 -8.67 2.06 -8.18
CA ILE A 377 -7.79 2.91 -8.97
C ILE A 377 -6.58 2.11 -9.47
N GLY A 378 -6.13 2.35 -10.69
CA GLY A 378 -4.93 1.70 -11.20
C GLY A 378 -4.09 2.80 -11.80
N THR A 379 -2.79 2.78 -11.53
CA THR A 379 -1.97 3.81 -12.15
C THR A 379 -0.56 3.29 -12.47
N VAL A 380 0.05 3.74 -13.59
CA VAL A 380 1.41 3.34 -13.85
C VAL A 380 2.11 4.46 -14.60
N GLY A 381 3.35 4.76 -14.23
CA GLY A 381 4.12 5.78 -14.95
C GLY A 381 3.87 7.18 -14.42
N LEU A 382 4.10 8.19 -15.27
CA LEU A 382 4.05 9.62 -14.93
C LEU A 382 2.65 10.23 -14.96
N THR A 383 2.39 11.13 -13.99
CA THR A 383 1.15 11.90 -13.98
C THR A 383 1.34 12.98 -15.04
N GLU A 384 0.27 13.67 -15.41
CA GLU A 384 0.38 14.72 -16.42
C GLU A 384 1.43 15.78 -16.04
N ASP A 385 1.50 16.16 -14.78
CA ASP A 385 2.41 17.20 -14.34
C ASP A 385 3.84 16.76 -14.37
N GLU A 386 4.05 15.49 -14.03
CA GLU A 386 5.37 14.91 -14.05
C GLU A 386 5.90 14.84 -15.48
N ALA A 387 5.04 14.55 -16.45
CA ALA A 387 5.50 14.41 -17.81
C ALA A 387 5.73 15.82 -18.35
N ILE A 388 4.91 16.76 -17.89
CA ILE A 388 5.10 18.11 -18.31
C ILE A 388 6.47 18.63 -17.83
N HIS A 389 6.83 18.33 -16.58
CA HIS A 389 8.13 18.71 -16.01
C HIS A 389 9.32 18.02 -16.68
N LYS A 390 9.12 16.78 -17.13
CA LYS A 390 10.18 15.98 -17.71
C LYS A 390 10.41 16.24 -19.19
N TYR A 391 9.36 16.51 -19.96
CA TYR A 391 9.47 16.69 -21.40
C TYR A 391 9.13 18.10 -21.86
N GLY A 392 8.38 18.90 -21.08
CA GLY A 392 7.97 20.23 -21.48
C GLY A 392 6.56 20.25 -22.05
N ILE A 393 5.76 21.24 -21.69
CA ILE A 393 4.38 21.32 -22.10
C ILE A 393 4.17 21.07 -23.58
N GLU A 394 5.08 21.55 -24.39
CA GLU A 394 4.87 21.45 -25.81
C GLU A 394 4.95 19.99 -26.28
N ASN A 395 5.61 19.14 -25.46
CA ASN A 395 5.85 17.76 -25.83
C ASN A 395 4.95 16.71 -25.17
N VAL A 396 3.92 17.17 -24.48
CA VAL A 396 3.06 16.28 -23.74
C VAL A 396 1.65 16.38 -24.28
N LYS A 397 1.07 15.21 -24.56
CA LYS A 397 -0.27 15.13 -25.08
C LYS A 397 -1.01 14.08 -24.25
N THR A 398 -2.22 14.38 -23.81
CA THR A 398 -2.97 13.40 -23.06
C THR A 398 -4.24 13.09 -23.81
N TYR A 399 -4.78 11.93 -23.49
CA TYR A 399 -6.05 11.53 -24.02
C TYR A 399 -6.84 11.06 -22.80
N SER A 400 -8.16 11.27 -22.78
CA SER A 400 -8.89 10.84 -21.61
C SER A 400 -10.31 10.53 -22.02
N THR A 401 -11.00 9.81 -21.13
CA THR A 401 -12.40 9.46 -21.35
C THR A 401 -13.06 9.33 -19.99
N SER A 402 -14.37 9.54 -19.99
CA SER A 402 -15.16 9.45 -18.77
C SER A 402 -16.49 8.87 -19.24
N PHE A 403 -16.94 7.80 -18.61
CA PHE A 403 -18.17 7.15 -19.03
C PHE A 403 -18.67 6.38 -17.84
N THR A 404 -19.93 5.98 -17.96
CA THR A 404 -20.62 5.15 -16.97
C THR A 404 -20.60 3.72 -17.46
N PRO A 405 -19.96 2.82 -16.72
CA PRO A 405 -19.93 1.42 -17.14
C PRO A 405 -21.32 0.84 -17.42
N MET A 406 -21.42 0.09 -18.50
CA MET A 406 -22.60 -0.61 -18.92
C MET A 406 -23.26 -1.39 -17.76
N TYR A 407 -22.49 -1.81 -16.74
CA TYR A 407 -23.01 -2.46 -15.55
C TYR A 407 -24.13 -1.60 -14.95
N HIS A 408 -24.02 -0.27 -15.07
CA HIS A 408 -24.98 0.63 -14.43
C HIS A 408 -26.06 1.11 -15.38
N ALA A 409 -26.12 0.50 -16.56
CA ALA A 409 -27.15 0.85 -17.53
C ALA A 409 -28.54 0.60 -16.95
N VAL A 410 -28.62 -0.30 -15.98
CA VAL A 410 -29.89 -0.71 -15.38
C VAL A 410 -29.97 -0.43 -13.86
N THR A 411 -29.02 0.30 -13.26
CA THR A 411 -29.07 0.52 -11.81
C THR A 411 -29.37 2.00 -11.51
N LYS A 412 -29.94 2.26 -10.32
CA LYS A 412 -30.21 3.62 -9.89
C LYS A 412 -28.94 4.19 -9.30
N ARG A 413 -28.13 3.31 -8.72
CA ARG A 413 -26.84 3.70 -8.18
C ARG A 413 -25.86 3.75 -9.37
N LYS A 414 -24.97 4.74 -9.38
CA LYS A 414 -24.00 4.89 -10.48
C LYS A 414 -22.59 5.16 -9.96
N THR A 415 -21.61 4.76 -10.76
CA THR A 415 -20.22 5.05 -10.51
C THR A 415 -19.71 5.39 -11.89
N LYS A 416 -18.58 6.04 -11.93
CA LYS A 416 -18.05 6.42 -13.19
C LYS A 416 -16.78 5.66 -13.49
N CYS A 417 -16.32 5.72 -14.72
CA CYS A 417 -15.04 5.19 -15.08
C CYS A 417 -14.26 6.32 -15.76
N VAL A 418 -13.08 6.67 -15.26
CA VAL A 418 -12.24 7.69 -15.87
C VAL A 418 -10.90 7.07 -16.24
N MET A 419 -10.43 7.38 -17.43
CA MET A 419 -9.16 6.91 -17.96
C MET A 419 -8.39 8.04 -18.61
N LYS A 420 -7.09 8.07 -18.36
CA LYS A 420 -6.28 9.10 -18.96
C LYS A 420 -4.99 8.46 -19.39
N MET A 421 -4.60 8.80 -20.60
CA MET A 421 -3.34 8.34 -21.16
C MET A 421 -2.44 9.56 -21.40
N VAL A 422 -1.24 9.52 -20.83
CA VAL A 422 -0.24 10.59 -20.97
C VAL A 422 0.83 10.16 -21.99
N CYS A 423 0.96 10.87 -23.11
CA CYS A 423 1.94 10.53 -24.16
C CYS A 423 3.04 11.60 -24.28
N ALA A 424 4.22 11.23 -24.76
CA ALA A 424 5.34 12.17 -24.85
C ALA A 424 5.97 12.13 -26.22
N ASN A 425 6.44 13.29 -26.64
CA ASN A 425 7.10 13.41 -27.93
C ASN A 425 6.15 13.10 -29.08
N LYS A 426 6.69 13.16 -30.29
CA LYS A 426 5.97 13.05 -31.57
C LYS A 426 5.42 11.64 -31.85
N GLU A 427 6.20 10.70 -31.36
CA GLU A 427 5.93 9.29 -31.41
C GLU A 427 4.76 8.98 -30.47
N GLU A 428 4.49 9.86 -29.51
CA GLU A 428 3.42 9.65 -28.57
C GLU A 428 3.68 8.39 -27.78
N LYS A 429 4.85 8.36 -27.19
CA LYS A 429 5.22 7.27 -26.34
C LYS A 429 4.32 7.29 -25.12
N VAL A 430 3.76 6.13 -24.74
CA VAL A 430 2.91 6.08 -23.54
C VAL A 430 3.73 6.17 -22.25
N VAL A 431 3.71 7.33 -21.53
CA VAL A 431 4.49 7.49 -20.30
C VAL A 431 3.67 7.41 -19.03
N GLY A 432 2.33 7.32 -19.14
CA GLY A 432 1.53 7.18 -17.94
C GLY A 432 0.10 6.78 -18.30
N ILE A 433 -0.47 5.89 -17.45
CA ILE A 433 -1.86 5.46 -17.55
C ILE A 433 -2.50 5.62 -16.17
N HIS A 434 -3.70 6.23 -16.12
CA HIS A 434 -4.39 6.51 -14.86
C HIS A 434 -5.85 6.21 -15.07
N MET A 435 -6.46 5.47 -14.13
CA MET A 435 -7.85 5.13 -14.33
C MET A 435 -8.49 4.80 -13.02
N GLN A 436 -9.79 4.94 -12.98
CA GLN A 436 -10.58 4.54 -11.82
C GLN A 436 -11.88 4.00 -12.41
N GLY A 437 -12.35 2.88 -11.90
CA GLY A 437 -13.56 2.34 -12.41
C GLY A 437 -13.65 0.84 -12.06
N LEU A 438 -14.85 0.27 -12.23
CA LEU A 438 -15.07 -1.15 -12.02
C LEU A 438 -14.14 -1.96 -12.92
N GLY A 439 -13.46 -2.95 -12.35
CA GLY A 439 -12.61 -3.81 -13.15
C GLY A 439 -11.18 -3.28 -13.26
N CYS A 440 -10.95 -2.03 -12.84
CA CYS A 440 -9.64 -1.43 -12.99
C CYS A 440 -8.55 -2.14 -12.18
N ASP A 441 -8.90 -2.87 -11.12
CA ASP A 441 -7.90 -3.67 -10.36
C ASP A 441 -7.24 -4.81 -11.19
N GLU A 442 -8.04 -5.44 -12.09
CA GLU A 442 -7.50 -6.54 -12.88
C GLU A 442 -7.08 -6.11 -14.28
N MET A 443 -7.38 -4.86 -14.64
CA MET A 443 -7.12 -4.38 -15.98
C MET A 443 -5.71 -3.87 -16.18
N LEU A 444 -5.14 -3.33 -15.10
CA LEU A 444 -3.85 -2.67 -15.16
C LEU A 444 -2.63 -3.50 -15.54
N GLN A 445 -2.48 -4.69 -14.98
CA GLN A 445 -1.28 -5.49 -15.19
C GLN A 445 -0.75 -5.57 -16.62
N GLY A 446 -1.58 -5.95 -17.57
CA GLY A 446 -1.11 -6.07 -18.95
C GLY A 446 -0.74 -4.71 -19.55
N PHE A 447 -1.48 -3.64 -19.26
CA PHE A 447 -1.07 -2.34 -19.83
C PHE A 447 0.29 -1.92 -19.24
N ALA A 448 0.55 -2.35 -18.02
CA ALA A 448 1.81 -2.04 -17.37
C ALA A 448 2.97 -2.73 -18.07
N VAL A 449 2.72 -3.93 -18.63
CA VAL A 449 3.71 -4.66 -19.43
C VAL A 449 4.03 -3.86 -20.67
N ALA A 450 2.97 -3.36 -21.35
CA ALA A 450 3.06 -2.61 -22.59
C ALA A 450 3.79 -1.29 -22.32
N VAL A 451 3.49 -0.66 -21.19
CA VAL A 451 4.16 0.60 -20.88
C VAL A 451 5.66 0.36 -20.59
N LYS A 452 5.95 -0.72 -19.90
CA LYS A 452 7.34 -1.09 -19.57
C LYS A 452 8.17 -1.34 -20.83
N MET A 453 7.54 -1.89 -21.88
CA MET A 453 8.19 -2.20 -23.13
C MET A 453 8.37 -0.96 -24.01
N GLY A 454 7.80 0.18 -23.62
CA GLY A 454 7.90 1.41 -24.38
C GLY A 454 6.85 1.54 -25.48
N ALA A 455 5.61 1.12 -25.23
CA ALA A 455 4.58 1.21 -26.26
C ALA A 455 4.32 2.66 -26.57
N THR A 456 3.83 2.89 -27.78
CA THR A 456 3.44 4.21 -28.21
C THR A 456 1.95 4.11 -28.35
N LYS A 457 1.31 5.22 -28.64
CA LYS A 457 -0.12 5.21 -28.77
C LYS A 457 -0.54 4.36 -29.97
N ALA A 458 0.28 4.34 -31.03
CA ALA A 458 0.00 3.52 -32.22
C ALA A 458 -0.09 2.01 -31.85
N ASP A 459 0.76 1.58 -30.91
CA ASP A 459 0.75 0.21 -30.51
C ASP A 459 -0.59 -0.15 -29.87
N PHE A 460 -1.09 0.76 -29.01
CA PHE A 460 -2.40 0.60 -28.38
C PHE A 460 -3.48 0.60 -29.45
N ASP A 461 -3.43 1.61 -30.28
CA ASP A 461 -4.44 1.80 -31.27
C ASP A 461 -4.53 0.65 -32.28
N ASN A 462 -3.41 -0.04 -32.47
CA ASN A 462 -3.34 -1.13 -33.42
C ASN A 462 -3.72 -2.49 -32.83
N THR A 463 -4.16 -2.51 -31.58
CA THR A 463 -4.63 -3.70 -30.91
C THR A 463 -6.17 -3.73 -31.00
N VAL A 464 -6.72 -4.80 -31.55
CA VAL A 464 -8.14 -4.94 -31.72
C VAL A 464 -8.76 -4.99 -30.33
N ALA A 465 -9.89 -4.30 -30.16
CA ALA A 465 -10.57 -4.21 -28.90
C ALA A 465 -11.32 -5.49 -28.58
N ILE A 466 -11.66 -5.62 -27.28
CA ILE A 466 -12.46 -6.69 -26.70
C ILE A 466 -13.77 -6.06 -26.26
N HIS A 467 -14.89 -6.48 -26.89
CA HIS A 467 -16.22 -5.92 -26.68
C HIS A 467 -17.19 -6.93 -26.13
N PRO A 468 -18.03 -6.53 -25.20
CA PRO A 468 -18.11 -5.22 -24.61
C PRO A 468 -17.41 -5.25 -23.26
N THR A 469 -16.43 -4.37 -23.06
CA THR A 469 -15.71 -4.35 -21.80
C THR A 469 -15.42 -2.90 -21.51
N SER A 470 -14.85 -2.62 -20.34
CA SER A 470 -14.40 -1.28 -19.99
C SER A 470 -13.01 -1.11 -20.58
N SER A 471 -12.21 -2.18 -20.55
CA SER A 471 -10.83 -2.15 -21.00
C SER A 471 -10.62 -1.70 -22.43
N GLU A 472 -11.62 -1.98 -23.27
CA GLU A 472 -11.51 -1.63 -24.68
C GLU A 472 -11.35 -0.11 -24.86
N GLU A 473 -11.75 0.71 -23.88
CA GLU A 473 -11.70 2.17 -24.01
C GLU A 473 -10.29 2.67 -24.16
N LEU A 474 -9.37 1.96 -23.52
CA LEU A 474 -7.98 2.36 -23.54
C LEU A 474 -7.36 2.15 -24.90
N VAL A 475 -7.95 1.32 -25.73
CA VAL A 475 -7.31 1.09 -27.01
C VAL A 475 -8.08 1.82 -28.10
N THR A 476 -9.12 2.61 -27.73
CA THR A 476 -9.88 3.35 -28.72
C THR A 476 -10.00 4.85 -28.36
N LEU A 477 -9.02 5.38 -27.63
CA LEU A 477 -8.98 6.78 -27.23
C LEU A 477 -8.70 7.65 -28.46
N ARG A 478 -9.43 8.75 -28.56
CA ARG A 478 -9.21 9.67 -29.64
C ARG A 478 -9.20 11.10 -29.16
#